data_4P4Y
#
_entry.id   4P4Y
#
_cell.length_a   66.260
_cell.length_b   66.260
_cell.length_c   154.630
_cell.angle_alpha   90.00
_cell.angle_beta   90.00
_cell.angle_gamma   120.00
#
_symmetry.space_group_name_H-M   'H 3 2'
#
loop_
_entity.id
_entity.type
_entity.pdbx_description
1 polymer 'CYCLIC HEXADECAPEPTIDE (ORN)YLL(PHI)YTE(ORN)KVT(MAA)TVK'
2 non-polymer 'SULFATE ION'
3 non-polymer 'CHLORIDE ION'
4 water water
#
_entity_poly.entity_id   1
_entity_poly.type   'polypeptide(L)'
_entity_poly.pdbx_seq_one_letter_code
;(ORN)YLL(PHI)YTE(ORN)KVT(MAA)TVK
;
_entity_poly.pdbx_strand_id   A,B,C,D,E,F,G
#
loop_
_chem_comp.id
_chem_comp.type
_chem_comp.name
_chem_comp.formula
CL non-polymer 'CHLORIDE ION' 'Cl -1'
SO4 non-polymer 'SULFATE ION' 'O4 S -2'
#
# COMPACT_ATOMS: atom_id res chain seq x y z
N ORN A 1 -18.80 2.18 -16.43
CA ORN A 1 -18.24 0.91 -16.00
CB ORN A 1 -17.17 0.36 -16.98
CG ORN A 1 -17.71 -0.09 -18.34
CD ORN A 1 -18.77 -1.20 -18.20
NE ORN A 1 -18.20 -2.45 -17.68
C ORN A 1 -17.58 1.10 -14.66
O ORN A 1 -17.07 2.16 -14.32
H2 ORN A 1 -19.32 2.67 -15.70
H ORN A 1 -19.45 2.09 -17.21
HA ORN A 1 -19.09 0.23 -15.87
HB2 ORN A 1 -16.67 -0.50 -16.52
HB3 ORN A 1 -16.44 1.16 -17.18
HG2 ORN A 1 -16.88 -0.48 -18.95
HG3 ORN A 1 -18.15 0.77 -18.85
HD2 ORN A 1 -19.54 -0.86 -17.50
HD3 ORN A 1 -19.20 -1.39 -19.18
HE1 ORN A 1 -17.77 -3.05 -18.38
N TYR A 2 -17.59 0.02 -13.85
CA TYR A 2 -16.96 0.04 -12.53
C TYR A 2 -15.78 -0.89 -12.54
N LEU A 3 -14.88 -0.61 -11.60
CA LEU A 3 -13.73 -1.47 -11.30
C LEU A 3 -14.07 -2.17 -10.02
N LEU A 4 -13.84 -3.48 -9.99
CA LEU A 4 -14.16 -4.30 -8.85
C LEU A 4 -13.01 -5.24 -8.56
N PHI A 5 -12.59 -5.24 -7.31
CA PHI A 5 -11.69 -6.28 -6.75
CB PHI A 5 -10.55 -5.64 -5.92
CG PHI A 5 -9.46 -4.98 -6.78
CD1 PHI A 5 -8.21 -4.69 -6.10
CD2 PHI A 5 -9.56 -4.67 -8.11
CE1 PHI A 5 -7.15 -4.10 -6.76
CE2 PHI A 5 -8.50 -4.05 -8.77
CZ PHI A 5 -7.32 -3.79 -8.06
I PHI A 5 -5.74 -2.88 -9.10
C PHI A 5 -12.56 -7.09 -5.82
O PHI A 5 -13.26 -6.51 -4.94
H PHI A 5 -12.81 -4.60 -6.66
HA PHI A 5 -11.33 -6.83 -7.45
HB2 PHI A 5 -10.92 -5.00 -5.36
HB3 PHI A 5 -10.15 -6.32 -5.37
HD1 PHI A 5 -8.10 -4.91 -5.17
HD2 PHI A 5 -10.43 -4.86 -8.62
HE1 PHI A 5 -6.30 -3.90 -6.27
HE2 PHI A 5 -8.57 -3.80 -9.78
N TYR A 6 -12.57 -8.41 -5.94
CA TYR A 6 -13.44 -9.21 -5.10
C TYR A 6 -12.73 -10.50 -4.68
N THR A 7 -13.15 -11.04 -3.56
CA THR A 7 -12.64 -12.32 -3.11
C THR A 7 -13.58 -12.93 -2.11
N GLU A 8 -13.59 -14.26 -2.03
CA GLU A 8 -14.22 -14.95 -0.93
C GLU A 8 -13.28 -15.31 0.20
N ORN A 9 -7.18 -17.07 0.06
CA ORN A 9 -8.04 -16.74 -1.09
CB ORN A 9 -9.44 -16.34 -0.68
CG ORN A 9 -9.52 -15.30 0.39
CD ORN A 9 -10.96 -15.28 1.03
NE ORN A 9 -11.96 -14.98 0.03
C ORN A 9 -7.34 -15.68 -1.93
O ORN A 9 -6.43 -14.99 -1.47
H2 ORN A 9 -7.22 -16.36 0.80
H ORN A 9 -6.20 -17.15 -0.19
HA ORN A 9 -8.05 -17.66 -1.69
HB2 ORN A 9 -9.99 -15.97 -1.56
HB3 ORN A 9 -9.96 -17.24 -0.28
HG2 ORN A 9 -9.31 -14.31 -0.05
HG3 ORN A 9 -8.77 -15.52 1.16
HD2 ORN A 9 -11.16 -16.26 1.48
HD3 ORN A 9 -10.99 -14.49 1.80
HE1 ORN A 9 -11.62 -14.51 -0.80
N LYS A 10 -7.76 -15.60 -3.22
CA LYS A 10 -7.16 -14.70 -4.19
C LYS A 10 -8.05 -13.52 -4.46
N VAL A 11 -7.44 -12.36 -4.69
CA VAL A 11 -8.18 -11.19 -5.16
C VAL A 11 -8.29 -11.22 -6.67
N THR A 12 -9.53 -11.18 -7.18
CA THR A 12 -9.81 -11.15 -8.59
C THR A 12 -10.18 -9.74 -8.97
N MAA A 13 -9.59 -9.20 -10.03
CM MAA A 13 -8.49 -9.80 -10.80
CA MAA A 13 -10.12 -7.91 -10.55
CB MAA A 13 -8.96 -6.91 -10.74
C MAA A 13 -10.89 -8.01 -11.83
O MAA A 13 -10.61 -8.83 -12.71
HM1 MAA A 13 -8.28 -9.18 -11.68
HM2 MAA A 13 -7.60 -9.86 -10.16
HM3 MAA A 13 -8.79 -10.82 -11.12
HA MAA A 13 -10.81 -7.51 -9.81
HB1 MAA A 13 -8.41 -7.16 -11.65
HB2 MAA A 13 -9.39 -5.89 -10.82
HB3 MAA A 13 -8.30 -6.96 -9.87
N THR A 14 -11.90 -7.14 -11.96
CA THR A 14 -12.74 -7.13 -13.13
C THR A 14 -13.16 -5.70 -13.39
N VAL A 15 -13.45 -5.42 -14.65
CA VAL A 15 -14.06 -4.16 -15.07
C VAL A 15 -15.34 -4.47 -15.81
N LYS A 16 -16.42 -3.88 -15.35
CA LYS A 16 -17.68 -4.14 -16.00
C LYS A 16 -18.30 -2.82 -16.37
N ORN B 1 -19.95 -15.03 1.98
CA ORN B 1 -19.84 -13.56 1.67
CB ORN B 1 -19.86 -12.69 2.95
CG ORN B 1 -21.14 -12.70 3.76
CD ORN B 1 -22.34 -12.16 2.95
NE ORN B 1 -22.17 -10.77 2.64
C ORN B 1 -18.56 -13.23 0.93
O ORN B 1 -17.55 -13.92 1.06
H2 ORN B 1 -19.70 -15.63 1.20
H ORN B 1 -19.33 -15.32 2.75
HA ORN B 1 -20.68 -13.35 0.99
HB2 ORN B 1 -19.04 -13.01 3.62
HB3 ORN B 1 -19.70 -11.65 2.64
HG2 ORN B 1 -21.01 -12.08 4.64
HG3 ORN B 1 -21.36 -13.74 4.06
HD2 ORN B 1 -22.43 -12.73 2.03
HD3 ORN B 1 -23.23 -12.27 3.56
HE1 ORN B 1 -22.47 -10.12 3.37
N TYR B 2 -18.64 -12.17 0.09
CA TYR B 2 -17.53 -11.65 -0.68
C TYR B 2 -17.03 -10.42 0.01
N LEU B 3 -15.72 -10.19 -0.06
CA LEU B 3 -15.12 -8.90 0.28
C LEU B 3 -15.00 -8.18 -1.05
N LEU B 4 -15.45 -6.92 -1.12
CA LEU B 4 -15.55 -6.16 -2.37
C LEU B 4 -14.94 -4.78 -2.24
N PHI B 5 -14.05 -4.42 -3.16
CA PHI B 5 -13.60 -3.03 -3.30
CB PHI B 5 -12.04 -2.90 -3.26
CG PHI B 5 -11.40 -2.99 -1.83
CD1 PHI B 5 -10.14 -2.31 -1.66
CD2 PHI B 5 -12.00 -3.64 -0.78
CE1 PHI B 5 -9.53 -2.36 -0.44
CE2 PHI B 5 -11.38 -3.68 0.44
CZ PHI B 5 -10.14 -3.03 0.58
I PHI B 5 -9.20 -3.09 2.50
C PHI B 5 -14.10 -2.60 -4.64
O PHI B 5 -13.80 -3.24 -5.65
H PHI B 5 -13.63 -4.99 -3.77
HA PHI B 5 -14.01 -2.49 -2.61
HB2 PHI B 5 -11.69 -3.59 -3.76
HB3 PHI B 5 -11.78 -2.07 -3.65
HD1 PHI B 5 -9.72 -1.86 -2.40
HD2 PHI B 5 -12.90 -4.12 -0.92
HE1 PHI B 5 -8.65 -1.91 -0.30
HE2 PHI B 5 -11.81 -4.18 1.25
N TYR B 6 -14.84 -1.50 -4.69
N TYR B 6 -14.81 -1.47 -4.66
CA TYR B 6 -15.29 -1.01 -5.98
CA TYR B 6 -15.55 -0.99 -5.83
C TYR B 6 -15.21 0.48 -6.13
C TYR B 6 -15.22 0.49 -6.11
N THR B 7 -15.20 0.88 -7.38
CA THR B 7 -15.11 2.27 -7.72
C THR B 7 -15.58 2.54 -9.13
N GLU B 8 -16.10 3.74 -9.34
CA GLU B 8 -16.37 4.22 -10.69
C GLU B 8 -15.31 5.22 -11.17
N ORN B 9 -12.43 9.82 -8.14
CA ORN B 9 -13.35 8.78 -7.59
CB ORN B 9 -13.77 7.78 -8.68
CG ORN B 9 -12.65 7.03 -9.31
CD ORN B 9 -13.15 6.33 -10.63
NE ORN B 9 -14.26 5.44 -10.32
C ORN B 9 -12.74 8.08 -6.39
O ORN B 9 -11.53 8.04 -6.19
H2 ORN B 9 -12.91 10.49 -8.75
H ORN B 9 -11.67 9.43 -8.70
HA ORN B 9 -14.20 9.34 -7.22
HB2 ORN B 9 -14.46 7.05 -8.23
HB3 ORN B 9 -14.28 8.34 -9.48
HG2 ORN B 9 -12.27 6.26 -8.62
HG3 ORN B 9 -11.84 7.72 -9.56
HD2 ORN B 9 -13.50 7.10 -11.33
HD3 ORN B 9 -12.34 5.75 -11.06
HE1 ORN B 9 -14.21 4.99 -9.41
N LYS B 10 -13.65 7.53 -5.55
CA LYS B 10 -13.26 6.87 -4.33
C LYS B 10 -13.44 5.37 -4.44
N VAL B 11 -12.60 4.66 -3.68
CA VAL B 11 -12.74 3.23 -3.54
C VAL B 11 -13.62 2.93 -2.30
N THR B 12 -14.70 2.18 -2.53
CA THR B 12 -15.66 1.81 -1.47
C THR B 12 -15.37 0.37 -1.08
N MAA B 13 -15.17 0.06 0.21
CM MAA B 13 -15.10 0.96 1.35
CA MAA B 13 -15.06 -1.38 0.55
CB MAA B 13 -13.77 -1.65 1.36
C MAA B 13 -16.26 -1.88 1.34
O MAA B 13 -16.74 -1.21 2.25
HM1 MAA B 13 -15.02 0.38 2.27
HM2 MAA B 13 -14.21 1.61 1.24
HM3 MAA B 13 -16.01 1.59 1.37
HA MAA B 13 -15.04 -1.96 -0.37
HB1 MAA B 13 -13.90 -1.30 2.38
HB2 MAA B 13 -13.57 -2.73 1.36
HB3 MAA B 13 -12.94 -1.12 0.87
N THR B 14 -16.72 -3.07 1.01
CA THR B 14 -17.86 -3.65 1.69
C THR B 14 -17.68 -5.17 1.79
N VAL B 15 -18.44 -5.76 2.71
CA VAL B 15 -18.58 -7.20 2.84
C VAL B 15 -20.02 -7.53 2.54
N LYS B 16 -20.23 -8.41 1.59
CA LYS B 16 -21.59 -8.84 1.23
C LYS B 16 -21.69 -10.33 1.43
N ORN C 1 -4.97 -2.24 -21.48
CA ORN C 1 -4.93 -1.28 -20.35
CB ORN C 1 -6.18 -0.42 -20.28
CG ORN C 1 -6.39 0.51 -21.45
CD ORN C 1 -5.28 1.56 -21.53
NE ORN C 1 -5.28 2.39 -20.35
C ORN C 1 -4.85 -2.01 -19.04
O ORN C 1 -5.31 -3.15 -18.89
H2 ORN C 1 -4.27 -2.98 -21.40
H ORN C 1 -4.79 -1.80 -22.39
HA ORN C 1 -4.01 -0.69 -20.48
HB2 ORN C 1 -7.07 -1.07 -20.20
HB3 ORN C 1 -6.09 0.21 -19.39
HG2 ORN C 1 -7.35 1.01 -21.33
HG3 ORN C 1 -6.39 -0.07 -22.38
HD2 ORN C 1 -4.32 1.07 -21.62
HD3 ORN C 1 -5.47 2.20 -22.40
HE1 ORN C 1 -5.92 3.19 -20.39
N TYR C 2 -4.25 -1.32 -18.03
N TYR C 2 -4.22 -1.30 -18.05
CA TYR C 2 -4.15 -1.91 -16.70
CA TYR C 2 -4.04 -1.75 -16.67
C TYR C 2 -5.01 -1.13 -15.74
C TYR C 2 -5.11 -1.14 -15.81
N LEU C 3 -5.49 -1.84 -14.72
CA LEU C 3 -6.26 -1.26 -13.64
C LEU C 3 -5.21 -0.91 -12.58
N LEU C 4 -5.32 0.25 -11.97
N LEU C 4 -5.29 0.27 -12.01
CA LEU C 4 -4.29 0.75 -11.08
CA LEU C 4 -4.33 0.77 -11.07
C LEU C 4 -4.89 1.47 -9.86
C LEU C 4 -5.06 1.33 -9.85
N PHI C 5 -4.54 0.98 -8.67
CA PHI C 5 -4.84 1.70 -7.41
CB PHI C 5 -5.40 0.77 -6.31
CG PHI C 5 -6.83 0.27 -6.54
CD1 PHI C 5 -7.53 -0.32 -5.43
CD2 PHI C 5 -7.50 0.35 -7.76
CE1 PHI C 5 -8.81 -0.78 -5.56
CE2 PHI C 5 -8.80 -0.10 -7.90
CZ PHI C 5 -9.43 -0.68 -6.79
I PHI C 5 -11.39 -1.40 -6.97
C PHI C 5 -3.54 2.25 -6.94
O PHI C 5 -2.52 1.50 -6.87
H PHI C 5 -4.03 0.21 -8.52
HA PHI C 5 -5.47 2.42 -7.58
HB2 PHI C 5 -4.84 0.04 -6.25
HB3 PHI C 5 -5.37 1.23 -5.47
HD1 PHI C 5 -7.10 -0.39 -4.57
HD2 PHI C 5 -7.03 0.77 -8.57
HE1 PHI C 5 -9.29 -1.19 -4.79
HE2 PHI C 5 -9.29 -0.05 -8.82
N TYR C 6 -3.50 3.54 -6.58
CA TYR C 6 -2.28 4.12 -6.10
C TYR C 6 -2.50 5.13 -4.99
N THR C 7 -1.45 5.33 -4.21
CA THR C 7 -1.51 6.28 -3.15
C THR C 7 -0.10 6.69 -2.77
N GLU C 8 0.04 7.91 -2.29
CA GLU C 8 1.29 8.31 -1.63
C GLU C 8 1.21 8.23 -0.12
N ORN C 9 -3.58 9.61 3.79
CA ORN C 9 -3.60 9.67 2.30
CB ORN C 9 -2.29 9.20 1.68
CG ORN C 9 -1.77 7.92 2.20
CD ORN C 9 -0.24 7.79 1.86
NE ORN C 9 0.00 7.91 0.41
C ORN C 9 -4.77 8.83 1.77
O ORN C 9 -5.36 8.03 2.47
H2 ORN C 9 -3.21 8.73 4.15
H ORN C 9 -4.50 9.71 4.21
HA ORN C 9 -3.82 10.70 2.06
HB2 ORN C 9 -2.43 9.10 0.60
HB3 ORN C 9 -1.54 9.96 1.89
HG2 ORN C 9 -2.30 7.08 1.74
HG3 ORN C 9 -1.89 7.89 3.28
HD2 ORN C 9 0.32 8.59 2.37
HD3 ORN C 9 0.11 6.81 2.18
HE1 ORN C 9 -0.82 7.73 -0.17
N LYS C 10 -5.09 9.09 0.46
CA LYS C 10 -6.20 8.43 -0.21
C LYS C 10 -5.76 7.47 -1.26
N VAL C 11 -6.56 6.43 -1.47
CA VAL C 11 -6.33 5.53 -2.59
C VAL C 11 -7.11 5.98 -3.81
N THR C 12 -6.40 6.17 -4.93
CA THR C 12 -6.98 6.65 -6.16
C THR C 12 -7.06 5.48 -7.14
N MAA C 13 -8.19 5.28 -7.80
CM MAA C 13 -9.44 6.01 -7.59
CA MAA C 13 -8.22 4.24 -8.86
CB MAA C 13 -9.35 3.23 -8.61
C MAA C 13 -8.32 4.81 -10.23
O MAA C 13 -9.03 5.79 -10.49
HM1 MAA C 13 -10.19 5.68 -8.32
HM2 MAA C 13 -9.82 5.83 -6.57
HM3 MAA C 13 -9.24 7.10 -7.71
HA MAA C 13 -7.27 3.71 -8.82
HB1 MAA C 13 -10.30 3.69 -8.90
HB2 MAA C 13 -9.17 2.33 -9.22
HB3 MAA C 13 -9.37 2.97 -7.54
N THR C 14 -7.61 4.18 -11.15
CA THR C 14 -7.67 4.59 -12.53
C THR C 14 -7.51 3.38 -13.46
N VAL C 15 -7.87 3.58 -14.71
CA VAL C 15 -7.60 2.63 -15.79
C VAL C 15 -6.70 3.26 -16.85
N LYS C 16 -5.52 2.62 -17.10
CA LYS C 16 -4.64 3.16 -18.10
C LYS C 16 -4.48 2.17 -19.27
N ORN D 1 4.89 8.50 0.05
CA ORN D 1 5.54 8.17 1.29
CB ORN D 1 5.35 6.68 1.61
CG ORN D 1 4.01 6.24 2.07
CD ORN D 1 3.48 7.00 3.28
NE ORN D 1 4.23 6.65 4.46
C ORN D 1 7.07 8.42 1.17
O ORN D 1 7.67 8.32 0.08
H2 ORN D 1 5.05 7.81 -0.69
H ORN D 1 3.87 8.58 0.14
HA ORN D 1 5.14 8.85 2.05
HB2 ORN D 1 6.07 6.42 2.40
HB3 ORN D 1 5.59 6.12 0.70
HG2 ORN D 1 3.30 6.36 1.24
HG3 ORN D 1 4.07 5.18 2.33
HD2 ORN D 1 3.59 8.07 3.09
HD3 ORN D 1 2.43 6.74 3.43
HE1 ORN D 1 3.89 5.82 4.95
N TYR D 2 7.69 8.76 2.35
N TYR D 2 7.73 8.74 2.32
CA TYR D 2 9.11 8.99 2.49
CA TYR D 2 9.15 8.93 2.33
C TYR D 2 9.77 7.72 3.04
C TYR D 2 9.81 7.82 3.13
N LEU D 3 11.06 7.57 2.76
CA LEU D 3 11.91 6.65 3.48
C LEU D 3 12.75 7.50 4.41
N LEU D 4 12.89 7.04 5.64
N LEU D 4 12.92 7.07 5.65
CA LEU D 4 13.61 7.78 6.65
CA LEU D 4 13.67 7.85 6.61
C LEU D 4 14.60 6.84 7.30
C LEU D 4 14.57 6.94 7.39
N PHI D 5 15.86 7.29 7.40
CA PHI D 5 16.83 6.63 8.29
CB PHI D 5 18.14 6.36 7.53
CG PHI D 5 18.08 5.07 6.66
CD1 PHI D 5 19.28 4.34 6.33
CD2 PHI D 5 16.88 4.58 6.16
CE1 PHI D 5 19.26 3.21 5.54
CE2 PHI D 5 16.87 3.45 5.34
CZ PHI D 5 18.07 2.76 5.04
I PHI D 5 18.08 1.04 3.84
C PHI D 5 17.16 7.60 9.37
O PHI D 5 17.52 8.77 9.04
H PHI D 5 16.24 7.98 6.89
HA PHI D 5 16.47 5.82 8.67
HB2 PHI D 5 18.31 7.06 6.97
HB3 PHI D 5 18.86 6.27 8.15
HD1 PHI D 5 20.13 4.65 6.67
HD2 PHI D 5 16.00 5.08 6.36
HE1 PHI D 5 20.11 2.74 5.33
HE2 PHI D 5 15.95 3.10 4.96
N TYR D 6 17.09 7.21 10.64
CA TYR D 6 17.45 8.18 11.66
C TYR D 6 18.23 7.55 12.76
N THR D 7 18.94 8.41 13.43
CA THR D 7 19.76 7.98 14.53
C THR D 7 20.16 9.11 15.50
N GLU D 8 20.38 8.78 16.78
CA GLU D 8 20.93 9.74 17.72
C GLU D 8 22.41 9.50 17.94
N ORN D 9 25.66 4.16 18.57
CA ORN D 9 24.20 4.35 18.26
CB ORN D 9 23.84 5.85 18.16
CG ORN D 9 24.63 6.64 17.15
CD ORN D 9 24.37 8.17 17.33
NE ORN D 9 22.98 8.46 17.23
C ORN D 9 23.84 3.59 17.01
O ORN D 9 24.65 3.31 16.15
H2 ORN D 9 26.28 4.71 17.98
H ORN D 9 25.97 3.19 18.45
HA ORN D 9 23.67 3.87 19.09
HB2 ORN D 9 22.78 5.93 17.91
HB3 ORN D 9 24.02 6.31 19.14
HG2 ORN D 9 24.31 6.35 16.14
HG3 ORN D 9 25.69 6.43 17.27
HD2 ORN D 9 24.74 8.47 18.33
HD3 ORN D 9 24.90 8.71 16.55
HE1 ORN D 9 22.43 7.86 16.62
N LYS D 10 22.51 3.27 16.90
CA LYS D 10 21.98 2.51 15.78
C LYS D 10 21.21 3.39 14.81
N VAL D 11 21.24 2.97 13.56
CA VAL D 11 20.46 3.64 12.50
C VAL D 11 19.16 2.86 12.32
N THR D 12 18.03 3.56 12.45
CA THR D 12 16.70 2.97 12.40
C THR D 12 16.04 3.40 11.08
N MAA D 13 15.39 2.48 10.35
CM MAA D 13 15.36 1.04 10.64
CA MAA D 13 14.65 2.93 9.15
CB MAA D 13 15.14 2.19 7.88
C MAA D 13 13.12 2.81 9.29
O MAA D 13 12.58 1.89 9.89
HM1 MAA D 13 14.73 0.54 9.90
HM2 MAA D 13 16.38 0.64 10.58
HM3 MAA D 13 14.95 0.89 11.66
HA MAA D 13 14.86 3.99 9.01
HB1 MAA D 13 14.72 1.18 7.87
HB2 MAA D 13 14.81 2.74 6.99
HB3 MAA D 13 16.23 2.13 7.90
N THR D 14 12.44 3.77 8.67
CA THR D 14 11.01 3.72 8.60
C THR D 14 10.57 4.22 7.24
N VAL D 15 9.35 3.82 6.89
CA VAL D 15 8.69 4.33 5.68
C VAL D 15 7.37 4.95 6.12
N LYS D 16 7.18 6.21 5.78
CA LYS D 16 5.94 6.89 6.16
C LYS D 16 5.27 7.40 4.91
N ORN E 1 8.57 -6.37 1.76
CA ORN E 1 9.48 -5.57 0.96
CB ORN E 1 8.78 -4.36 0.31
CG ORN E 1 7.73 -4.66 -0.78
CD ORN E 1 8.33 -5.43 -1.96
NE ORN E 1 9.31 -4.60 -2.64
C ORN E 1 10.61 -5.01 1.80
O ORN E 1 10.47 -4.74 3.00
H2 ORN E 1 7.93 -6.94 1.20
H ORN E 1 9.03 -7.02 2.39
HA ORN E 1 9.92 -6.26 0.23
HB2 ORN E 1 9.55 -3.72 -0.15
HB3 ORN E 1 8.26 -3.81 1.10
HG2 ORN E 1 6.92 -5.25 -0.34
HG3 ORN E 1 7.32 -3.71 -1.15
HD2 ORN E 1 8.80 -6.35 -1.60
HD3 ORN E 1 7.52 -5.66 -2.67
HE1 ORN E 1 8.93 -3.98 -3.34
N TYR E 2 11.80 -4.87 1.14
CA TYR E 2 12.97 -4.32 1.74
C TYR E 2 13.08 -2.85 1.34
N LEU E 3 13.62 -2.03 2.24
CA LEU E 3 14.09 -0.71 1.92
C LEU E 3 15.56 -0.89 1.57
N LEU E 4 15.95 -0.26 0.47
CA LEU E 4 17.26 -0.46 -0.10
C LEU E 4 17.96 0.87 -0.40
N PHI E 5 19.21 1.02 0.06
CA PHI E 5 20.09 2.09 -0.44
CB PHI E 5 20.67 2.99 0.69
CG PHI E 5 19.67 4.02 1.28
CD1 PHI E 5 20.22 5.03 2.15
CD2 PHI E 5 18.31 3.98 1.10
CE1 PHI E 5 19.40 5.92 2.77
CE2 PHI E 5 17.49 4.88 1.71
CZ PHI E 5 18.03 5.90 2.55
I PHI E 5 16.76 7.30 3.52
C PHI E 5 21.23 1.41 -1.10
O PHI E 5 21.86 0.49 -0.48
H PHI E 5 19.64 0.49 0.71
HA PHI E 5 19.62 2.64 -1.09
HB2 PHI E 5 20.95 2.43 1.37
HB3 PHI E 5 21.43 3.46 0.35
HD1 PHI E 5 21.17 5.06 2.31
HD2 PHI E 5 17.91 3.24 0.49
HE1 PHI E 5 19.79 6.63 3.36
HE2 PHI E 5 16.45 4.84 1.55
N TYR E 6 21.58 1.81 -2.32
CA TYR E 6 22.72 1.20 -2.96
C TYR E 6 23.61 2.19 -3.71
N THR E 7 24.82 1.73 -3.99
CA THR E 7 25.83 2.55 -4.63
C THR E 7 26.89 1.68 -5.29
N GLU E 8 27.62 2.27 -6.25
CA GLU E 8 28.80 1.64 -6.83
C GLU E 8 30.06 2.44 -6.58
N ORN E 9 30.49 8.34 -7.34
CA ORN E 9 29.27 7.52 -7.12
CB ORN E 9 29.57 6.35 -6.19
CG ORN E 9 30.98 5.74 -6.32
CD ORN E 9 31.11 4.40 -5.52
NE ORN E 9 29.96 3.55 -5.78
C ORN E 9 28.09 8.30 -6.48
O ORN E 9 28.20 9.46 -6.11
H2 ORN E 9 31.02 8.55 -6.49
H ORN E 9 30.29 9.26 -7.76
HA ORN E 9 28.95 7.19 -8.11
HB2 ORN E 9 29.46 6.70 -5.15
HB3 ORN E 9 28.83 5.56 -6.39
HG2 ORN E 9 31.71 6.45 -5.93
HG3 ORN E 9 31.20 5.54 -7.37
HD2 ORN E 9 32.02 3.87 -5.83
HD3 ORN E 9 31.14 4.62 -4.45
HE1 ORN E 9 29.08 3.82 -5.33
N LYS E 10 26.90 7.64 -6.44
CA LYS E 10 25.70 8.24 -5.89
C LYS E 10 25.05 7.20 -5.02
N VAL E 11 24.19 7.65 -4.12
CA VAL E 11 23.40 6.76 -3.30
C VAL E 11 21.96 6.72 -3.83
N THR E 12 21.49 5.53 -4.23
CA THR E 12 20.19 5.38 -4.85
C THR E 12 19.24 4.70 -3.87
N MAA E 13 18.05 5.24 -3.62
CM MAA E 13 17.58 6.49 -4.22
CA MAA E 13 17.10 4.54 -2.72
CB MAA E 13 16.61 5.46 -1.58
C MAA E 13 15.89 3.94 -3.50
O MAA E 13 15.44 4.51 -4.49
HM1 MAA E 13 16.53 6.66 -3.92
HM2 MAA E 13 18.21 7.32 -3.88
HM3 MAA E 13 17.64 6.40 -5.32
HA MAA E 13 17.63 3.70 -2.27
HB1 MAA E 13 15.87 6.16 -1.97
HB2 MAA E 13 16.16 4.84 -0.79
HB3 MAA E 13 17.46 6.01 -1.17
N THR E 14 15.44 2.80 -3.03
CA THR E 14 14.33 2.10 -3.67
C THR E 14 13.69 1.20 -2.63
N VAL E 15 12.47 0.76 -2.93
CA VAL E 15 11.75 -0.18 -2.06
C VAL E 15 11.42 -1.34 -2.95
N LYS E 16 11.80 -2.53 -2.51
CA LYS E 16 11.53 -3.75 -3.26
C LYS E 16 10.66 -4.69 -2.43
N ORN F 1 39.85 -0.05 6.29
CA ORN F 1 39.25 0.32 4.98
CB ORN F 1 39.53 -0.80 3.93
CG ORN F 1 38.86 -0.59 2.52
CD ORN F 1 39.86 -0.04 1.47
NE ORN F 1 39.28 1.06 0.71
C ORN F 1 37.72 0.55 5.14
O ORN F 1 36.90 -0.18 4.58
H2 ORN F 1 39.65 -1.02 6.56
H ORN F 1 40.86 0.03 6.31
HA ORN F 1 39.72 1.28 4.71
HB2 ORN F 1 40.62 -0.84 3.77
HB3 ORN F 1 39.18 -1.77 4.31
HG2 ORN F 1 38.48 -1.54 2.16
HG3 ORN F 1 38.03 0.12 2.61
HD2 ORN F 1 40.74 0.33 2.00
HD3 ORN F 1 40.13 -0.84 0.78
HE1 ORN F 1 39.28 0.95 -0.31
N TYR F 2 37.34 1.60 5.96
CA TYR F 2 35.91 1.87 6.15
C TYR F 2 35.25 2.37 4.88
N LEU F 3 34.00 1.95 4.69
CA LEU F 3 33.19 2.34 3.54
C LEU F 3 32.13 3.32 3.98
N LEU F 4 32.00 4.40 3.21
CA LEU F 4 31.49 5.63 3.79
C LEU F 4 30.43 6.28 2.97
N PHI F 5 29.39 6.78 3.66
CA PHI F 5 28.51 7.82 3.13
CB PHI F 5 27.01 7.53 3.33
CG PHI F 5 26.53 6.29 2.55
CD1 PHI F 5 25.15 5.93 2.74
CD2 PHI F 5 27.32 5.55 1.70
CE1 PHI F 5 24.60 4.86 2.10
CE2 PHI F 5 26.78 4.46 1.06
CZ PHI F 5 25.42 4.10 1.26
I PHI F 5 24.56 2.43 0.27
C PHI F 5 28.84 9.07 3.88
O PHI F 5 28.85 9.05 5.16
H PHI F 5 29.12 6.52 4.52
HA PHI F 5 28.69 7.95 2.19
HB2 PHI F 5 26.83 7.39 4.22
HB3 PHI F 5 26.50 8.29 3.03
HD1 PHI F 5 24.60 6.45 3.32
HD2 PHI F 5 28.31 5.79 1.56
HE1 PHI F 5 23.64 4.60 2.23
HE2 PHI F 5 27.38 3.89 0.43
N TYR F 6 29.14 10.17 3.20
CA TYR F 6 29.39 11.41 3.95
C TYR F 6 28.69 12.60 3.32
N THR F 7 28.45 13.63 4.13
CA THR F 7 27.88 14.87 3.60
C THR F 7 28.16 16.01 4.51
N GLU F 8 28.31 17.20 3.95
CA GLU F 8 28.38 18.43 4.71
C GLU F 8 27.02 19.11 4.84
N ORN F 9 22.20 19.48 0.65
CA ORN F 9 23.57 18.88 0.38
CB ORN F 9 24.47 18.95 1.62
CG ORN F 9 23.81 18.58 2.93
CD ORN F 9 24.64 19.10 4.15
NE ORN F 9 26.00 18.59 4.10
C ORN F 9 23.43 17.46 -0.06
O ORN F 9 22.41 16.82 0.16
H2 ORN F 9 21.79 19.15 1.54
H ORN F 9 21.51 19.25 -0.06
HA ORN F 9 23.97 19.46 -0.46
HB2 ORN F 9 25.33 18.26 1.48
HB3 ORN F 9 24.83 19.98 1.72
HG2 ORN F 9 23.71 17.50 2.99
HG3 ORN F 9 22.81 19.04 2.96
HD2 ORN F 9 24.67 20.20 4.12
HD3 ORN F 9 24.17 18.75 5.06
HE1 ORN F 9 26.13 17.77 3.50
N LYS F 10 24.49 16.97 -0.77
CA LYS F 10 24.49 15.64 -1.33
C LYS F 10 25.22 14.66 -0.47
N VAL F 11 24.75 13.41 -0.49
CA VAL F 11 25.40 12.30 0.18
C VAL F 11 26.36 11.63 -0.79
N THR F 12 27.64 11.70 -0.47
CA THR F 12 28.64 11.04 -1.29
C THR F 12 28.94 9.64 -0.74
N MAA F 13 28.90 8.61 -1.59
CM MAA F 13 28.48 8.68 -2.98
CA MAA F 13 29.47 7.32 -1.12
CB MAA F 13 28.57 6.12 -1.47
C MAA F 13 30.86 7.11 -1.68
O MAA F 13 31.16 7.41 -2.84
HM1 MAA F 13 28.72 7.74 -3.48
HM2 MAA F 13 27.40 8.86 -3.02
HM3 MAA F 13 29.02 9.51 -3.47
HA MAA F 13 29.58 7.36 -0.04
HB1 MAA F 13 28.65 5.89 -2.53
HB2 MAA F 13 28.88 5.24 -0.86
HB3 MAA F 13 27.52 6.37 -1.21
N THR F 14 31.73 6.56 -0.85
CA THR F 14 33.07 6.21 -1.29
C THR F 14 33.47 4.87 -0.70
N VAL F 15 34.17 4.08 -1.52
CA VAL F 15 34.67 2.76 -1.15
C VAL F 15 36.20 2.80 -1.11
N LYS F 16 36.78 3.12 0.05
CA LYS F 16 38.20 3.25 0.36
C LYS F 16 38.76 2.20 1.31
N ORN G 1 -16.33 -2.81 10.75
CA ORN G 1 -17.61 -3.43 10.45
CB ORN G 1 -17.54 -4.37 9.18
CG ORN G 1 -17.29 -3.65 7.85
CD ORN G 1 -18.41 -2.73 7.49
NE ORN G 1 -19.66 -3.43 7.31
C ORN G 1 -18.05 -4.31 11.59
O ORN G 1 -17.27 -4.84 12.36
H2 ORN G 1 -16.08 -2.04 10.12
H ORN G 1 -16.28 -2.41 11.69
HA ORN G 1 -18.33 -2.62 10.33
HB2 ORN G 1 -16.75 -5.12 9.32
HB3 ORN G 1 -18.51 -4.87 9.09
HG2 ORN G 1 -16.35 -3.09 7.92
HG3 ORN G 1 -17.19 -4.41 7.06
HD2 ORN G 1 -18.53 -1.99 8.29
HD3 ORN G 1 -18.16 -2.23 6.55
HE1 ORN G 1 -19.80 -3.82 6.38
N TYR G 2 -19.40 -4.48 11.70
N TYR G 2 -19.42 -4.43 11.70
CA TYR G 2 -19.92 -5.35 12.74
CA TYR G 2 -20.05 -5.28 12.71
C TYR G 2 -20.66 -6.52 12.12
C TYR G 2 -20.49 -6.57 12.04
N LEU G 3 -20.64 -7.61 12.84
CA LEU G 3 -21.38 -8.81 12.48
C LEU G 3 -22.70 -8.64 13.20
N LEU G 4 -23.81 -8.82 12.47
N LEU G 4 -23.79 -8.90 12.48
CA LEU G 4 -25.15 -8.69 13.03
CA LEU G 4 -25.14 -8.70 12.94
C LEU G 4 -26.05 -9.85 12.65
C LEU G 4 -25.98 -9.94 12.65
N PHI G 5 -26.69 -10.44 13.66
CA PHI G 5 -27.76 -11.40 13.43
CB PHI G 5 -27.63 -12.66 14.30
CG PHI G 5 -26.56 -13.68 13.82
CD1 PHI G 5 -26.67 -15.04 14.24
CD2 PHI G 5 -25.57 -13.33 12.93
CE1 PHI G 5 -25.75 -15.97 13.82
CE2 PHI G 5 -24.64 -14.25 12.50
CZ PHI G 5 -24.76 -15.59 12.97
I PHI G 5 -23.35 -17.04 12.34
C PHI G 5 -28.99 -10.68 13.89
O PHI G 5 -29.02 -10.10 15.02
H PHI G 5 -26.56 -10.26 14.56
HA PHI G 5 -27.82 -11.64 12.49
HB2 PHI G 5 -27.41 -12.39 15.16
HB3 PHI G 5 -28.48 -13.10 14.33
HD1 PHI G 5 -27.37 -15.30 14.86
HD2 PHI G 5 -25.49 -12.35 12.60
HE1 PHI G 5 -25.81 -16.92 14.14
HE2 PHI G 5 -23.88 -13.98 11.85
N TYR G 6 -30.06 -10.66 13.06
CA TYR G 6 -31.26 -9.95 13.48
C TYR G 6 -32.52 -10.66 13.02
N THR G 7 -33.58 -10.41 13.76
CA THR G 7 -34.87 -10.96 13.39
C THR G 7 -36.00 -10.16 13.98
N GLU G 8 -37.15 -10.16 13.33
CA GLU G 8 -38.37 -9.60 13.91
C GLU G 8 -39.23 -10.69 14.51
N ORN G 9 -40.38 -16.58 12.53
CA ORN G 9 -39.49 -15.56 11.91
CB ORN G 9 -39.42 -14.28 12.73
CG ORN G 9 -39.05 -14.45 14.16
CD ORN G 9 -39.47 -13.14 14.95
NE ORN G 9 -38.77 -11.98 14.41
C ORN G 9 -38.11 -16.17 11.75
O ORN G 9 -37.77 -17.16 12.39
H2 ORN G 9 -40.22 -16.69 13.53
H ORN G 9 -40.28 -17.51 12.13
HA ORN G 9 -39.89 -15.40 10.90
HB2 ORN G 9 -38.69 -13.60 12.27
HB3 ORN G 9 -40.42 -13.81 12.72
HG2 ORN G 9 -37.96 -14.60 14.25
HG3 ORN G 9 -39.58 -15.30 14.59
HD2 ORN G 9 -40.55 -12.99 14.84
HD3 ORN G 9 -39.19 -13.25 16.00
HE1 ORN G 9 -37.88 -12.19 13.96
N LYS G 10 -37.34 -15.58 10.77
CA LYS G 10 -36.01 -16.06 10.43
C LYS G 10 -34.94 -15.14 10.98
N VAL G 11 -33.78 -15.75 11.25
CA VAL G 11 -32.60 -15.02 11.65
C VAL G 11 -31.80 -14.69 10.41
N THR G 12 -31.53 -13.41 10.23
CA THR G 12 -30.82 -12.91 9.06
C THR G 12 -29.42 -12.55 9.52
N MAA G 13 -28.36 -13.01 8.85
CM MAA G 13 -28.45 -13.93 7.70
CA MAA G 13 -27.01 -12.51 9.21
CB MAA G 13 -26.05 -13.68 9.48
C MAA G 13 -26.43 -11.62 8.16
O MAA G 13 -26.58 -11.83 6.96
HM1 MAA G 13 -27.45 -14.05 7.26
HM2 MAA G 13 -28.82 -14.90 8.05
HM3 MAA G 13 -29.14 -13.50 6.96
HA MAA G 13 -27.10 -11.91 10.10
HB1 MAA G 13 -25.75 -14.13 8.53
HB2 MAA G 13 -25.16 -13.30 10.01
HB3 MAA G 13 -26.56 -14.43 10.10
N THR G 14 -25.74 -10.59 8.61
CA THR G 14 -25.07 -9.67 7.72
C THR G 14 -23.79 -9.17 8.35
N VAL G 15 -22.91 -8.66 7.49
CA VAL G 15 -21.71 -7.97 7.92
C VAL G 15 -21.83 -6.58 7.39
N LYS G 16 -21.77 -5.64 8.27
CA LYS G 16 -21.87 -4.27 7.88
C LYS G 16 -20.62 -3.51 8.27
S SO4 H . -25.44 -3.59 -20.05
O1 SO4 H . -25.85 -2.90 -18.82
O2 SO4 H . -26.63 -3.91 -20.83
O3 SO4 H . -24.47 -2.78 -20.74
O4 SO4 H . -24.75 -4.83 -19.68
CL CL I . -13.36 11.85 -5.60
CL CL J . -11.26 8.33 -0.09
CL CL K . -8.95 8.79 -14.85
S SO4 L . 2.77 4.98 7.53
O1 SO4 L . 2.80 4.41 6.19
O2 SO4 L . 1.49 4.72 8.16
O3 SO4 L . 3.85 4.36 8.30
O4 SO4 L . 2.95 6.43 7.46
S SO4 M . 7.24 1.96 10.08
O1 SO4 M . 8.10 1.80 8.93
O2 SO4 M . 6.16 2.89 9.73
O3 SO4 M . 6.68 0.67 10.45
O4 SO4 M . 8.01 2.50 11.20
CL CL N . -34.01 -20.06 8.09
#